data_5DS1
#
_entry.id   5DS1
#
_cell.length_a   48.860
_cell.length_b   82.690
_cell.length_c   88.900
_cell.angle_alpha   90.00
_cell.angle_beta   92.11
_cell.angle_gamma   90.00
#
_symmetry.space_group_name_H-M   'C 1 2 1'
#
loop_
_entity.id
_entity.type
_entity.pdbx_description
1 polymer '17.1 kDa class II heat shock protein'
2 water water
#
_entity_poly.entity_id   1
_entity_poly.type   'polypeptide(L)'
_entity_poly.pdbx_seq_one_letter_code
;GSTPADVKEHPNSYVFMVDMPGVKSGDIKVQVEDENVLLISGERKREEEKEGVKYLKMERRIGKLMRKFVLPENANIEAI
SAISQDGVLTVTVNK
;
_entity_poly.pdbx_strand_id   A,B,C
#
# COMPACT_ATOMS: atom_id res chain seq x y z
N SER A 2 -14.96 -22.74 -1.88
CA SER A 2 -14.16 -22.83 -3.11
C SER A 2 -14.92 -22.46 -4.38
N THR A 3 -14.20 -22.14 -5.45
CA THR A 3 -14.83 -21.67 -6.68
C THR A 3 -13.84 -21.74 -7.84
N PRO A 4 -14.33 -21.91 -9.08
CA PRO A 4 -13.42 -22.12 -10.22
C PRO A 4 -12.48 -20.95 -10.46
N ALA A 5 -11.23 -21.27 -10.81
CA ALA A 5 -10.19 -20.27 -11.11
C ALA A 5 -9.33 -20.67 -12.31
N ASP A 6 -9.04 -19.69 -13.15
CA ASP A 6 -8.03 -19.81 -14.19
C ASP A 6 -6.85 -18.91 -13.82
N VAL A 7 -5.65 -19.28 -14.25
CA VAL A 7 -4.45 -18.50 -13.94
C VAL A 7 -3.58 -18.44 -15.18
N LYS A 8 -3.29 -17.23 -15.66
CA LYS A 8 -2.48 -17.02 -16.86
C LYS A 8 -1.22 -16.24 -16.50
N GLU A 9 -0.19 -16.39 -17.33
CA GLU A 9 1.11 -15.73 -17.14
C GLU A 9 1.40 -14.86 -18.34
N HIS A 10 1.25 -13.56 -18.18
CA HIS A 10 1.66 -12.59 -19.20
C HIS A 10 3.12 -12.25 -19.01
N PRO A 11 3.72 -11.53 -19.98
CA PRO A 11 5.16 -11.22 -19.87
C PRO A 11 5.60 -10.67 -18.51
N ASN A 12 4.85 -9.73 -17.96
CA ASN A 12 5.25 -9.02 -16.74
C ASN A 12 4.21 -9.13 -15.62
N SER A 13 3.32 -10.12 -15.69
CA SER A 13 2.21 -10.16 -14.74
C SER A 13 1.58 -11.54 -14.71
N TYR A 14 0.94 -11.84 -13.58
CA TYR A 14 0.09 -13.00 -13.41
C TYR A 14 -1.37 -12.58 -13.31
N VAL A 15 -2.28 -13.38 -13.87
CA VAL A 15 -3.69 -13.05 -13.92
C VAL A 15 -4.51 -14.19 -13.34
N PHE A 16 -5.40 -13.85 -12.41
CA PHE A 16 -6.28 -14.82 -11.75
C PHE A 16 -7.73 -14.47 -12.09
N MET A 17 -8.47 -15.46 -12.55
CA MET A 17 -9.83 -15.32 -13.07
C MET A 17 -10.72 -16.22 -12.24
N VAL A 18 -11.58 -15.64 -11.41
CA VAL A 18 -12.37 -16.40 -10.46
C VAL A 18 -13.85 -16.21 -10.78
N ASP A 19 -14.62 -17.31 -10.80
CA ASP A 19 -16.07 -17.18 -10.90
C ASP A 19 -16.67 -16.72 -9.58
N MET A 20 -17.54 -15.71 -9.65
CA MET A 20 -18.27 -15.21 -8.48
C MET A 20 -19.63 -14.69 -8.96
N PRO A 21 -20.53 -15.58 -9.37
CA PRO A 21 -21.89 -15.11 -9.71
C PRO A 21 -22.53 -14.52 -8.46
N GLY A 22 -23.23 -13.41 -8.63
CA GLY A 22 -24.04 -12.92 -7.54
C GLY A 22 -23.29 -12.36 -6.34
N VAL A 23 -22.03 -11.96 -6.50
CA VAL A 23 -21.29 -11.32 -5.42
C VAL A 23 -21.17 -9.86 -5.77
N LYS A 24 -21.61 -9.01 -4.86
CA LYS A 24 -21.53 -7.61 -5.08
C LYS A 24 -20.15 -7.10 -4.71
N SER A 25 -19.60 -6.16 -5.46
CA SER A 25 -18.30 -5.61 -5.10
C SER A 25 -18.59 -4.90 -3.82
N GLY A 26 -17.74 -5.11 -2.85
CA GLY A 26 -17.98 -4.63 -1.52
C GLY A 26 -18.06 -5.86 -0.62
N ASP A 27 -18.33 -7.00 -1.24
CA ASP A 27 -18.36 -8.27 -0.60
C ASP A 27 -17.19 -9.02 -1.18
N ILE A 28 -16.43 -8.36 -2.06
CA ILE A 28 -15.21 -8.95 -2.63
C ILE A 28 -14.01 -8.49 -1.80
N LYS A 29 -13.17 -9.42 -1.42
CA LYS A 29 -11.89 -9.12 -0.80
C LYS A 29 -10.78 -9.61 -1.70
N VAL A 30 -9.79 -8.74 -1.91
CA VAL A 30 -8.55 -9.10 -2.59
C VAL A 30 -7.44 -8.63 -1.69
N GLN A 31 -6.57 -9.56 -1.30
CA GLN A 31 -5.71 -9.35 -0.16
C GLN A 31 -4.40 -10.10 -0.32
N VAL A 32 -3.34 -9.46 0.16
CA VAL A 32 -2.02 -10.07 0.19
C VAL A 32 -1.70 -10.45 1.64
N GLU A 33 -1.47 -11.74 1.87
CA GLU A 33 -0.97 -12.23 3.13
C GLU A 33 0.51 -12.55 2.96
N ASP A 34 1.35 -11.91 3.77
CA ASP A 34 2.77 -12.21 3.91
C ASP A 34 3.60 -11.86 2.67
N GLU A 35 3.04 -11.04 1.77
CA GLU A 35 3.69 -10.49 0.58
C GLU A 35 3.77 -11.50 -0.56
N ASN A 36 3.54 -12.78 -0.26
CA ASN A 36 3.64 -13.84 -1.24
C ASN A 36 2.30 -14.44 -1.65
N VAL A 37 1.29 -14.40 -0.79
CA VAL A 37 0.06 -15.15 -0.99
C VAL A 37 -1.06 -14.20 -1.33
N LEU A 38 -1.75 -14.49 -2.44
CA LEU A 38 -2.87 -13.67 -2.88
C LEU A 38 -4.17 -14.36 -2.46
N LEU A 39 -5.04 -13.63 -1.77
CA LEU A 39 -6.21 -14.20 -1.14
C LEU A 39 -7.44 -13.55 -1.73
N ILE A 40 -8.25 -14.34 -2.44
CA ILE A 40 -9.42 -13.82 -3.15
C ILE A 40 -10.67 -14.39 -2.50
N SER A 41 -11.65 -13.52 -2.24
CA SER A 41 -12.76 -13.88 -1.38
C SER A 41 -14.02 -13.08 -1.77
N GLY A 42 -15.18 -13.76 -1.77
CA GLY A 42 -16.48 -13.13 -2.04
C GLY A 42 -17.68 -13.92 -1.52
N GLU A 43 -18.68 -13.24 -0.95
CA GLU A 43 -19.83 -13.92 -0.37
C GLU A 43 -21.11 -13.60 -1.11
N ARG A 44 -21.84 -14.63 -1.53
CA ARG A 44 -23.17 -14.46 -2.13
C ARG A 44 -24.22 -14.48 -1.04
N LYS A 45 -25.16 -13.54 -1.14
CA LYS A 45 -26.22 -13.39 -0.14
C LYS A 45 -27.60 -13.52 -0.79
N ARG A 46 -28.62 -13.62 0.07
CA ARG A 46 -30.01 -13.74 -0.34
C ARG A 46 -30.68 -12.38 -0.40
N GLU A 47 -31.57 -12.22 -1.39
CA GLU A 47 -32.46 -11.05 -1.43
C GLU A 47 -33.64 -11.35 -0.52
N GLU A 48 -33.55 -10.88 0.72
CA GLU A 48 -34.63 -11.01 1.69
C GLU A 48 -35.93 -10.40 1.16
N LYS A 50 -40.72 -13.43 3.40
CA LYS A 50 -41.93 -13.78 2.67
C LYS A 50 -42.88 -12.58 2.52
N GLU A 51 -42.54 -11.61 1.68
CA GLU A 51 -43.38 -10.43 1.54
C GLU A 51 -44.46 -10.80 0.57
N GLY A 52 -44.95 -12.00 0.72
CA GLY A 52 -45.91 -12.55 -0.20
C GLY A 52 -45.11 -13.24 -1.31
N VAL A 53 -43.81 -13.43 -1.08
CA VAL A 53 -42.91 -14.07 -2.01
C VAL A 53 -42.52 -15.40 -1.44
N LYS A 54 -42.77 -16.42 -2.21
CA LYS A 54 -42.46 -17.79 -1.85
C LYS A 54 -41.50 -18.41 -2.86
N TYR A 55 -40.50 -19.12 -2.35
CA TYR A 55 -39.57 -19.85 -3.21
C TYR A 55 -40.20 -21.13 -3.75
N LEU A 56 -40.10 -21.37 -5.05
CA LEU A 56 -40.49 -22.67 -5.57
C LEU A 56 -39.31 -23.60 -5.78
N LYS A 57 -38.17 -23.07 -6.17
CA LYS A 57 -36.98 -23.87 -6.34
C LYS A 57 -35.79 -23.03 -5.91
N MET A 58 -34.89 -23.69 -5.19
CA MET A 58 -33.72 -23.03 -4.65
C MET A 58 -32.56 -24.00 -4.82
N GLU A 59 -31.76 -23.78 -5.86
CA GLU A 59 -30.57 -24.57 -6.07
C GLU A 59 -29.26 -23.78 -6.02
N ARG A 60 -29.30 -22.45 -5.97
CA ARG A 60 -28.08 -21.66 -5.85
C ARG A 60 -27.67 -21.59 -4.38
N ARG A 61 -26.57 -22.25 -4.04
CA ARG A 61 -26.02 -22.14 -2.70
C ARG A 61 -25.34 -20.79 -2.52
N ILE A 62 -25.43 -20.25 -1.31
CA ILE A 62 -24.87 -18.94 -0.99
C ILE A 62 -23.76 -19.15 0.04
N GLY A 63 -23.21 -18.06 0.57
CA GLY A 63 -22.06 -18.15 1.43
C GLY A 63 -20.81 -17.71 0.70
N LYS A 64 -19.67 -17.96 1.33
CA LYS A 64 -18.42 -17.37 0.85
C LYS A 64 -17.71 -18.28 -0.14
N LEU A 65 -17.24 -17.67 -1.22
CA LEU A 65 -16.28 -18.29 -2.14
C LEU A 65 -14.90 -17.75 -1.78
N MET A 66 -13.89 -18.63 -1.76
CA MET A 66 -12.55 -18.19 -1.39
C MET A 66 -11.51 -19.10 -2.04
N ARG A 67 -10.44 -18.48 -2.55
CA ARG A 67 -9.29 -19.20 -3.07
C ARG A 67 -8.02 -18.45 -2.72
N LYS A 68 -7.00 -19.20 -2.32
CA LYS A 68 -5.68 -18.65 -2.07
C LYS A 68 -4.76 -19.02 -3.22
N PHE A 69 -3.82 -18.11 -3.51
CA PHE A 69 -2.82 -18.35 -4.55
C PHE A 69 -1.48 -17.87 -4.04
N VAL A 70 -0.50 -18.76 -4.06
CA VAL A 70 0.85 -18.46 -3.60
C VAL A 70 1.73 -18.30 -4.83
N LEU A 71 2.34 -17.17 -4.94
CA LEU A 71 3.39 -16.93 -5.91
C LEU A 71 4.72 -17.23 -5.24
N PRO A 72 5.81 -17.41 -6.00
CA PRO A 72 7.09 -17.78 -5.39
C PRO A 72 7.52 -16.82 -4.28
N GLU A 73 8.34 -17.33 -3.37
CA GLU A 73 8.91 -16.49 -2.33
C GLU A 73 9.87 -15.48 -2.96
N ASN A 74 10.08 -14.37 -2.27
CA ASN A 74 10.82 -13.22 -2.80
C ASN A 74 10.14 -12.58 -4.00
N ALA A 75 8.92 -13.01 -4.33
CA ALA A 75 8.13 -12.35 -5.37
C ALA A 75 7.20 -11.36 -4.67
N ASN A 76 7.57 -10.08 -4.71
CA ASN A 76 6.86 -9.05 -3.95
C ASN A 76 5.67 -8.51 -4.74
N ILE A 77 4.49 -8.50 -4.11
CA ILE A 77 3.29 -7.94 -4.73
C ILE A 77 3.26 -6.46 -4.39
N GLU A 78 3.47 -5.63 -5.41
CA GLU A 78 3.45 -4.19 -5.25
C GLU A 78 2.39 -3.52 -6.10
N ALA A 79 1.98 -4.15 -7.19
CA ALA A 79 1.02 -3.58 -8.12
C ALA A 79 -0.07 -4.62 -8.29
N ILE A 80 -1.25 -4.30 -7.83
CA ILE A 80 -2.34 -5.24 -7.93
C ILE A 80 -3.51 -4.58 -8.65
N SER A 81 -4.28 -5.40 -9.35
CA SER A 81 -5.35 -4.96 -10.24
C SER A 81 -6.56 -5.83 -9.98
N ALA A 82 -7.76 -5.24 -9.96
CA ALA A 82 -8.95 -6.07 -9.76
C ALA A 82 -10.13 -5.58 -10.61
N ILE A 83 -10.73 -6.49 -11.40
CA ILE A 83 -11.90 -6.17 -12.21
C ILE A 83 -13.02 -7.14 -11.89
N SER A 84 -14.21 -6.61 -11.67
CA SER A 84 -15.41 -7.41 -11.50
C SER A 84 -16.26 -7.22 -12.76
N GLN A 85 -16.58 -8.32 -13.44
CA GLN A 85 -17.43 -8.21 -14.62
C GLN A 85 -18.14 -9.49 -14.94
N ASP A 86 -19.48 -9.45 -14.90
CA ASP A 86 -20.35 -10.56 -15.30
C ASP A 86 -20.12 -11.76 -14.42
N GLY A 87 -19.84 -11.46 -13.16
CA GLY A 87 -19.62 -12.47 -12.14
C GLY A 87 -18.25 -13.09 -12.16
N VAL A 88 -17.33 -12.55 -12.94
CA VAL A 88 -15.96 -13.05 -12.96
C VAL A 88 -15.03 -11.97 -12.44
N LEU A 89 -14.20 -12.33 -11.49
CA LEU A 89 -13.24 -11.39 -10.94
C LEU A 89 -11.86 -11.70 -11.52
N THR A 90 -11.26 -10.72 -12.19
CA THR A 90 -9.93 -10.83 -12.77
C THR A 90 -8.96 -9.93 -11.98
N VAL A 91 -8.02 -10.57 -11.29
CA VAL A 91 -6.98 -9.88 -10.55
C VAL A 91 -5.65 -10.08 -11.28
N THR A 92 -4.98 -8.99 -11.58
CA THR A 92 -3.67 -9.01 -12.20
C THR A 92 -2.63 -8.52 -11.20
N VAL A 93 -1.65 -9.36 -10.92
CA VAL A 93 -0.64 -9.12 -9.89
C VAL A 93 0.71 -9.08 -10.59
N ASN A 94 1.50 -8.05 -10.30
CA ASN A 94 2.92 -8.05 -10.72
C ASN A 94 3.61 -9.29 -10.15
N SER B 2 -4.78 8.33 10.64
CA SER B 2 -5.02 9.28 9.55
C SER B 2 -3.74 9.68 8.81
N THR B 3 -3.87 10.12 7.56
CA THR B 3 -2.70 10.33 6.73
C THR B 3 -3.06 11.22 5.56
N PRO B 4 -2.19 12.13 5.14
CA PRO B 4 -2.48 12.93 3.95
C PRO B 4 -2.78 12.09 2.72
N ALA B 5 -3.66 12.62 1.87
CA ALA B 5 -4.11 11.97 0.65
C ALA B 5 -4.27 12.98 -0.47
N ASP B 6 -3.87 12.61 -1.68
CA ASP B 6 -4.20 13.42 -2.85
C ASP B 6 -5.24 12.70 -3.69
N VAL B 7 -6.21 13.45 -4.19
CA VAL B 7 -7.21 12.87 -5.08
C VAL B 7 -7.14 13.61 -6.41
N LYS B 8 -6.88 12.88 -7.49
CA LYS B 8 -6.86 13.44 -8.83
C LYS B 8 -7.98 12.83 -9.65
N GLU B 9 -8.45 13.58 -10.64
CA GLU B 9 -9.47 13.09 -11.56
C GLU B 9 -8.85 12.92 -12.94
N HIS B 10 -9.06 11.75 -13.52
CA HIS B 10 -8.72 11.47 -14.90
C HIS B 10 -9.98 11.34 -15.73
N PRO B 11 -9.85 11.36 -17.07
CA PRO B 11 -11.04 11.24 -17.93
C PRO B 11 -12.05 10.19 -17.46
N ASN B 12 -11.63 8.95 -17.29
CA ASN B 12 -12.56 7.92 -16.83
C ASN B 12 -12.07 7.23 -15.56
N SER B 13 -11.35 7.94 -14.68
CA SER B 13 -10.95 7.31 -13.43
C SER B 13 -10.63 8.36 -12.38
N TYR B 14 -10.64 7.90 -11.13
CA TYR B 14 -10.24 8.69 -9.99
C TYR B 14 -8.99 8.08 -9.38
N VAL B 15 -8.06 8.95 -8.97
CA VAL B 15 -6.78 8.50 -8.42
C VAL B 15 -6.67 8.98 -6.98
N PHE B 16 -6.41 8.03 -6.08
CA PHE B 16 -6.17 8.31 -4.67
C PHE B 16 -4.73 8.00 -4.35
N MET B 17 -4.01 9.00 -3.82
CA MET B 17 -2.62 8.82 -3.44
C MET B 17 -2.51 9.05 -1.94
N VAL B 18 -2.09 8.01 -1.21
CA VAL B 18 -2.05 8.02 0.24
C VAL B 18 -0.63 7.74 0.71
N ASP B 19 -0.12 8.57 1.62
CA ASP B 19 1.20 8.28 2.16
C ASP B 19 1.16 7.04 3.03
N MET B 20 2.09 6.15 2.82
CA MET B 20 2.15 5.04 3.76
C MET B 20 3.58 4.59 3.96
N PRO B 21 4.44 5.45 4.49
CA PRO B 21 5.84 5.06 4.67
C PRO B 21 5.94 3.86 5.60
N GLY B 22 6.76 2.89 5.22
CA GLY B 22 7.02 1.76 6.09
C GLY B 22 5.95 0.68 6.10
N VAL B 23 5.06 0.69 5.13
CA VAL B 23 4.04 -0.32 5.04
C VAL B 23 4.48 -1.33 3.99
N LYS B 24 4.68 -2.57 4.41
CA LYS B 24 4.87 -3.64 3.43
C LYS B 24 3.54 -3.96 2.80
N SER B 25 3.47 -3.86 1.45
CA SER B 25 2.26 -4.26 0.76
C SER B 25 2.02 -5.73 1.04
N GLY B 26 1.08 -5.93 1.93
CA GLY B 26 0.71 -7.19 2.54
C GLY B 26 -0.02 -6.80 3.83
N ASP B 27 0.24 -5.60 4.32
CA ASP B 27 -0.42 -5.03 5.44
C ASP B 27 -1.22 -3.81 4.95
N ILE B 28 -1.38 -3.72 3.64
CA ILE B 28 -2.15 -2.69 2.98
C ILE B 28 -3.44 -3.37 2.66
N LYS B 29 -4.52 -2.70 2.97
CA LYS B 29 -5.86 -3.19 2.70
C LYS B 29 -6.56 -2.15 1.84
N VAL B 30 -7.06 -2.56 0.68
CA VAL B 30 -7.89 -1.69 -0.13
C VAL B 30 -9.19 -2.40 -0.38
N GLN B 31 -10.29 -1.82 0.09
CA GLN B 31 -11.58 -2.42 -0.20
C GLN B 31 -12.64 -1.36 -0.41
N VAL B 32 -13.66 -1.76 -1.15
CA VAL B 32 -14.87 -0.99 -1.37
C VAL B 32 -15.91 -1.52 -0.39
N GLU B 33 -16.75 -0.62 0.14
CA GLU B 33 -17.86 -1.05 0.98
C GLU B 33 -19.14 -0.39 0.46
N ASP B 34 -20.12 -1.22 0.12
CA ASP B 34 -21.43 -0.82 -0.39
C ASP B 34 -21.36 -0.02 -1.70
N GLU B 35 -20.27 -0.17 -2.44
CA GLU B 35 -20.16 0.13 -3.87
C GLU B 35 -19.64 1.53 -4.19
N ASN B 36 -19.79 2.50 -3.27
CA ASN B 36 -19.35 3.86 -3.55
C ASN B 36 -18.34 4.41 -2.54
N VAL B 37 -18.02 3.69 -1.47
CA VAL B 37 -17.09 4.16 -0.46
C VAL B 37 -15.80 3.39 -0.59
N LEU B 38 -14.70 4.11 -0.79
CA LEU B 38 -13.37 3.51 -0.89
C LEU B 38 -12.71 3.50 0.48
N LEU B 39 -12.08 2.39 0.84
CA LEU B 39 -11.46 2.23 2.14
C LEU B 39 -10.00 1.84 1.96
N ILE B 40 -9.09 2.74 2.29
CA ILE B 40 -7.64 2.49 2.20
C ILE B 40 -7.07 2.35 3.60
N SER B 41 -6.38 1.26 3.85
CA SER B 41 -5.77 1.01 5.14
C SER B 41 -4.37 0.46 4.96
N GLY B 42 -3.53 0.66 5.98
CA GLY B 42 -2.20 0.10 6.03
C GLY B 42 -1.65 0.09 7.45
N GLU B 43 -0.90 -0.95 7.83
CA GLU B 43 -0.35 -1.02 9.18
C GLU B 43 1.18 -1.05 9.14
N ARG B 44 1.81 -0.17 9.93
CA ARG B 44 3.24 -0.24 10.23
C ARG B 44 3.51 -1.32 11.28
N LYS B 45 4.59 -2.07 11.09
CA LYS B 45 5.12 -2.91 12.16
C LYS B 45 6.60 -2.72 12.43
N ARG B 46 7.23 -3.74 13.00
CA ARG B 46 8.61 -3.64 13.43
C ARG B 46 9.17 -5.05 13.67
N GLU B 47 10.32 -5.09 14.34
CA GLU B 47 11.07 -6.24 14.90
C GLU B 47 12.52 -6.16 14.44
N LYS B 50 16.86 -7.12 16.85
CA LYS B 50 18.05 -7.96 17.05
C LYS B 50 18.46 -7.98 18.53
N GLU B 51 19.27 -8.98 18.87
CA GLU B 51 19.65 -9.26 20.24
C GLU B 51 20.53 -8.19 20.87
N GLY B 52 21.31 -7.43 20.09
CA GLY B 52 22.23 -6.47 20.67
C GLY B 52 22.00 -5.01 20.31
N VAL B 53 20.78 -4.65 19.87
CA VAL B 53 20.46 -3.30 19.43
C VAL B 53 19.78 -2.55 20.57
N LYS B 54 20.04 -1.24 20.65
CA LYS B 54 19.69 -0.41 21.80
C LYS B 54 19.02 0.87 21.33
N TYR B 55 17.79 1.11 21.77
CA TYR B 55 17.01 2.25 21.28
C TYR B 55 17.55 3.54 21.90
N LEU B 56 17.84 4.51 21.04
CA LEU B 56 18.29 5.83 21.47
C LEU B 56 17.31 6.96 21.13
N LYS B 57 16.65 6.89 19.99
CA LYS B 57 15.60 7.82 19.64
C LYS B 57 14.54 7.05 18.88
N MET B 58 13.31 7.06 19.36
CA MET B 58 12.20 6.49 18.62
C MET B 58 11.14 7.57 18.51
N GLU B 59 10.99 8.10 17.30
CA GLU B 59 9.99 9.10 17.01
C GLU B 59 8.98 8.64 15.97
N ARG B 60 9.27 7.60 15.21
CA ARG B 60 8.35 7.10 14.21
C ARG B 60 7.32 6.22 14.90
N ARG B 61 6.06 6.68 14.90
CA ARG B 61 4.99 5.93 15.52
C ARG B 61 4.55 4.78 14.62
N ILE B 62 3.83 3.84 15.21
CA ILE B 62 3.51 2.57 14.55
C ILE B 62 1.99 2.46 14.41
N GLY B 63 1.50 1.42 13.73
CA GLY B 63 0.07 1.22 13.71
C GLY B 63 -0.59 1.40 12.36
N LYS B 64 -1.87 1.74 12.41
CA LYS B 64 -2.76 1.67 11.26
C LYS B 64 -3.04 3.07 10.75
N LEU B 65 -2.82 3.27 9.46
CA LEU B 65 -3.18 4.51 8.78
C LEU B 65 -4.41 4.16 7.96
N MET B 66 -5.39 5.06 7.92
CA MET B 66 -6.71 4.67 7.40
C MET B 66 -7.46 5.90 6.93
N ARG B 67 -8.12 5.82 5.79
CA ARG B 67 -8.88 6.94 5.28
C ARG B 67 -9.98 6.48 4.35
N LYS B 68 -11.23 6.82 4.63
CA LYS B 68 -12.34 6.42 3.77
C LYS B 68 -12.63 7.50 2.77
N PHE B 69 -13.19 7.13 1.65
CA PHE B 69 -13.53 8.07 0.61
C PHE B 69 -14.83 7.67 -0.01
N VAL B 70 -15.79 8.57 -0.12
CA VAL B 70 -17.04 8.28 -0.82
C VAL B 70 -16.99 8.94 -2.19
N LEU B 71 -17.23 8.17 -3.18
CA LEU B 71 -17.41 8.71 -4.51
C LEU B 71 -18.90 8.86 -4.79
N PRO B 72 -19.30 9.63 -5.81
CA PRO B 72 -20.71 10.01 -5.93
C PRO B 72 -21.63 8.81 -6.12
N GLU B 73 -22.89 8.98 -5.70
CA GLU B 73 -23.86 7.89 -5.69
C GLU B 73 -24.09 7.36 -7.10
N ASN B 74 -24.06 6.02 -7.22
CA ASN B 74 -24.05 5.30 -8.51
C ASN B 74 -22.83 5.66 -9.36
N ASN B 76 -20.86 2.83 -9.05
CA ASN B 76 -20.41 1.60 -8.38
C ASN B 76 -19.04 1.16 -8.87
N ILE B 77 -18.14 0.99 -7.91
CA ILE B 77 -16.74 0.75 -8.19
C ILE B 77 -16.56 -0.70 -8.57
N GLU B 78 -16.11 -0.95 -9.81
CA GLU B 78 -15.93 -2.28 -10.35
C GLU B 78 -14.51 -2.59 -10.79
N ALA B 79 -13.73 -1.56 -11.12
CA ALA B 79 -12.35 -1.72 -11.55
C ALA B 79 -11.48 -0.92 -10.59
N ILE B 80 -10.53 -1.59 -9.95
CA ILE B 80 -9.75 -0.94 -8.93
C ILE B 80 -8.29 -1.34 -9.03
N SER B 81 -7.42 -0.36 -8.87
CA SER B 81 -5.98 -0.48 -9.10
C SER B 81 -5.24 0.09 -7.90
N ALA B 82 -4.24 -0.62 -7.40
CA ALA B 82 -3.41 -0.16 -6.28
C ALA B 82 -1.96 -0.48 -6.58
N ILE B 83 -1.11 0.55 -6.53
CA ILE B 83 0.34 0.39 -6.69
C ILE B 83 1.04 1.11 -5.56
N SER B 84 2.10 0.51 -5.03
CA SER B 84 2.91 1.09 -3.97
C SER B 84 4.28 1.43 -4.54
N GLN B 85 4.80 2.60 -4.18
CA GLN B 85 6.08 3.05 -4.72
C GLN B 85 6.61 4.13 -3.80
N ASP B 86 7.72 3.83 -3.12
CA ASP B 86 8.35 4.76 -2.18
C ASP B 86 7.40 5.13 -1.06
N GLY B 87 6.52 4.20 -0.69
CA GLY B 87 5.70 4.46 0.47
C GLY B 87 4.47 5.30 0.20
N VAL B 88 4.13 5.53 -1.06
CA VAL B 88 2.85 6.14 -1.41
C VAL B 88 2.02 5.10 -2.13
N LEU B 89 0.85 4.84 -1.57
CA LEU B 89 -0.14 3.95 -2.19
C LEU B 89 -1.00 4.79 -3.13
N THR B 90 -1.01 4.45 -4.41
CA THR B 90 -1.91 5.07 -5.38
C THR B 90 -3.02 4.07 -5.68
N VAL B 91 -4.26 4.47 -5.40
CA VAL B 91 -5.42 3.66 -5.74
C VAL B 91 -6.13 4.31 -6.91
N THR B 92 -6.33 3.56 -7.98
CA THR B 92 -7.11 4.05 -9.11
C THR B 92 -8.41 3.26 -9.26
N VAL B 93 -9.52 3.99 -9.17
CA VAL B 93 -10.87 3.45 -9.18
C VAL B 93 -11.57 3.98 -10.41
N ASN B 94 -12.36 3.12 -11.05
CA ASN B 94 -13.32 3.58 -12.09
C ASN B 94 -14.25 4.64 -11.53
N SER C 2 10.79 18.85 8.43
CA SER C 2 11.12 17.80 9.39
C SER C 2 10.32 16.51 9.14
N THR C 3 10.74 15.41 9.77
CA THR C 3 10.13 14.11 9.54
C THR C 3 10.53 13.17 10.67
N PRO C 4 9.67 12.22 11.04
CA PRO C 4 10.00 11.30 12.15
C PRO C 4 11.21 10.44 11.81
N ALA C 5 11.92 10.03 12.86
CA ALA C 5 13.19 9.32 12.68
C ALA C 5 13.49 8.46 13.91
N ASP C 6 14.02 7.26 13.67
CA ASP C 6 14.55 6.41 14.72
C ASP C 6 16.08 6.33 14.60
N VAL C 7 16.76 6.24 15.74
CA VAL C 7 18.21 6.05 15.81
C VAL C 7 18.50 4.85 16.72
N LYS C 8 19.28 3.90 16.22
CA LYS C 8 19.64 2.74 17.03
C LYS C 8 21.14 2.52 17.09
N GLU C 9 21.58 1.90 18.19
CA GLU C 9 22.97 1.57 18.44
C GLU C 9 23.15 0.07 18.28
N HIS C 10 23.93 -0.33 17.30
CA HIS C 10 24.34 -1.71 17.07
C HIS C 10 25.78 -1.91 17.50
N PRO C 11 26.21 -3.17 17.69
CA PRO C 11 27.57 -3.40 18.23
C PRO C 11 28.67 -2.55 17.60
N ASN C 12 28.68 -2.42 16.27
CA ASN C 12 29.75 -1.70 15.61
C ASN C 12 29.23 -0.65 14.62
N SER C 13 27.99 -0.20 14.79
CA SER C 13 27.39 0.75 13.86
C SER C 13 26.24 1.47 14.56
N TYR C 14 25.90 2.66 14.04
CA TYR C 14 24.67 3.35 14.41
C TYR C 14 23.72 3.36 13.22
N VAL C 15 22.43 3.15 13.49
CA VAL C 15 21.42 3.00 12.44
C VAL C 15 20.46 4.18 12.54
N PHE C 16 20.25 4.85 11.42
CA PHE C 16 19.26 5.92 11.32
C PHE C 16 18.14 5.52 10.37
N MET C 17 16.90 5.60 10.85
CA MET C 17 15.70 5.27 10.08
C MET C 17 14.83 6.51 9.99
N VAL C 18 14.71 7.06 8.79
CA VAL C 18 13.92 8.28 8.56
C VAL C 18 12.78 7.98 7.60
N ASP C 19 11.56 8.41 7.97
CA ASP C 19 10.37 8.24 7.12
C ASP C 19 10.38 9.30 6.01
N MET C 20 10.30 8.87 4.75
CA MET C 20 10.42 9.79 3.62
C MET C 20 9.55 9.36 2.45
N PRO C 21 8.23 9.34 2.63
CA PRO C 21 7.34 8.76 1.63
C PRO C 21 7.20 9.62 0.39
N GLY C 22 7.07 8.95 -0.75
CA GLY C 22 6.92 9.67 -2.01
C GLY C 22 8.16 10.41 -2.45
N VAL C 23 9.32 10.03 -1.92
CA VAL C 23 10.58 10.67 -2.25
C VAL C 23 11.34 9.71 -3.16
N LYS C 24 11.65 10.16 -4.35
CA LYS C 24 12.38 9.38 -5.31
C LYS C 24 13.86 9.32 -4.98
N SER C 25 14.41 8.13 -4.79
CA SER C 25 15.83 8.04 -4.48
C SER C 25 16.54 8.58 -5.70
N GLY C 26 16.66 9.88 -5.76
CA GLY C 26 17.28 10.59 -6.85
C GLY C 26 17.11 12.01 -6.39
N ASP C 27 16.45 12.09 -5.25
CA ASP C 27 16.18 13.34 -4.54
C ASP C 27 16.55 13.20 -3.07
N ILE C 28 17.20 12.10 -2.67
CA ILE C 28 17.59 11.85 -1.28
C ILE C 28 19.08 12.08 -1.13
N LYS C 29 19.45 12.90 -0.16
CA LYS C 29 20.86 13.20 0.09
C LYS C 29 21.22 12.76 1.50
N VAL C 30 22.27 11.97 1.60
CA VAL C 30 22.91 11.68 2.88
C VAL C 30 24.31 12.25 2.81
N GLN C 31 24.77 12.83 3.92
CA GLN C 31 26.00 13.64 3.90
C GLN C 31 26.56 13.78 5.30
N VAL C 32 27.88 13.78 5.41
CA VAL C 32 28.57 14.07 6.66
C VAL C 32 28.96 15.54 6.65
N GLU C 33 28.60 16.26 7.71
CA GLU C 33 29.00 17.64 7.90
C GLU C 33 29.99 17.71 9.06
N ASP C 34 31.14 18.37 8.82
CA ASP C 34 32.20 18.58 9.80
C ASP C 34 32.70 17.28 10.44
N GLU C 35 32.50 16.15 9.75
CA GLU C 35 32.98 14.84 10.21
C GLU C 35 32.22 14.28 11.41
N ASN C 36 31.33 15.06 12.05
CA ASN C 36 30.55 14.54 13.17
C ASN C 36 29.04 14.58 12.97
N VAL C 37 28.51 15.52 12.20
CA VAL C 37 27.06 15.74 12.09
C VAL C 37 26.53 15.03 10.85
N LEU C 38 25.59 14.10 11.04
CA LEU C 38 24.96 13.41 9.92
C LEU C 38 23.76 14.22 9.45
N LEU C 39 23.67 14.45 8.15
CA LEU C 39 22.61 15.27 7.59
C LEU C 39 21.86 14.47 6.53
N ILE C 40 20.56 14.25 6.75
CA ILE C 40 19.73 13.42 5.90
C ILE C 40 18.62 14.27 5.30
N SER C 41 18.51 14.24 3.98
CA SER C 41 17.58 15.11 3.28
C SER C 41 16.81 14.33 2.22
N GLY C 42 15.54 14.72 2.01
CA GLY C 42 14.73 14.24 0.90
C GLY C 42 13.70 15.24 0.41
N GLU C 43 13.50 15.31 -0.91
CA GLU C 43 12.57 16.26 -1.50
C GLU C 43 11.39 15.53 -2.14
N ARG C 44 10.17 15.88 -1.72
CA ARG C 44 8.96 15.38 -2.35
C ARG C 44 8.54 16.36 -3.44
N LYS C 45 8.31 15.82 -4.64
CA LYS C 45 7.88 16.60 -5.79
C LYS C 45 6.50 16.13 -6.25
N ARG C 46 5.91 16.90 -7.16
CA ARG C 46 4.58 16.62 -7.66
C ARG C 46 4.58 16.73 -9.18
N GLU C 47 3.85 15.83 -9.84
CA GLU C 47 3.83 15.66 -11.30
C GLU C 47 3.86 16.97 -12.09
N LYS C 50 -0.45 17.09 -16.70
CA LYS C 50 -1.23 16.66 -17.87
C LYS C 50 -2.52 17.45 -18.03
N GLU C 51 -2.76 17.96 -19.25
CA GLU C 51 -3.89 18.86 -19.50
C GLU C 51 -5.24 18.16 -19.44
N GLY C 52 -5.27 16.86 -19.21
CA GLY C 52 -6.51 16.13 -19.07
C GLY C 52 -6.81 15.68 -17.67
N VAL C 53 -5.80 15.75 -16.77
CA VAL C 53 -5.96 15.39 -15.37
C VAL C 53 -6.21 16.65 -14.55
N LYS C 54 -7.03 16.52 -13.51
CA LYS C 54 -7.46 17.64 -12.69
C LYS C 54 -7.39 17.23 -11.23
N TYR C 55 -6.82 18.11 -10.39
CA TYR C 55 -6.74 17.84 -8.97
C TYR C 55 -8.06 18.21 -8.29
N LEU C 56 -8.48 17.38 -7.33
CA LEU C 56 -9.71 17.64 -6.58
C LEU C 56 -9.45 17.76 -5.10
N LYS C 57 -8.39 17.14 -4.62
CA LYS C 57 -7.98 17.25 -3.24
C LYS C 57 -6.48 17.05 -3.19
N MET C 58 -5.81 17.95 -2.50
CA MET C 58 -4.36 17.91 -2.38
C MET C 58 -4.09 18.30 -0.94
N GLU C 59 -3.82 17.30 -0.09
CA GLU C 59 -3.44 17.60 1.28
C GLU C 59 -2.10 16.97 1.66
N ARG C 60 -1.38 16.38 0.72
CA ARG C 60 -0.01 15.93 1.01
C ARG C 60 0.94 17.10 0.88
N ARG C 61 1.77 17.33 1.91
CA ARG C 61 2.76 18.40 1.85
C ARG C 61 3.96 17.96 1.00
N ILE C 62 4.49 18.89 0.20
CA ILE C 62 5.70 18.60 -0.56
C ILE C 62 6.83 19.52 -0.13
N GLY C 63 7.95 19.45 -0.84
CA GLY C 63 9.16 20.10 -0.41
C GLY C 63 10.11 19.14 0.26
N LYS C 64 11.07 19.70 0.98
CA LYS C 64 12.19 18.94 1.52
C LYS C 64 11.93 18.57 2.98
N LEU C 65 12.20 17.30 3.31
CA LEU C 65 12.24 16.83 4.68
C LEU C 65 13.70 16.55 5.03
N MET C 66 14.19 17.21 6.08
CA MET C 66 15.61 17.21 6.44
C MET C 66 15.77 16.98 7.94
N ARG C 67 16.71 16.11 8.31
CA ARG C 67 17.04 15.92 9.72
C ARG C 67 18.55 15.72 9.89
N LYS C 68 19.12 16.38 10.91
CA LYS C 68 20.54 16.24 11.26
C LYS C 68 20.70 15.52 12.60
N PHE C 69 21.75 14.70 12.68
CA PHE C 69 22.12 14.01 13.91
C PHE C 69 23.60 14.22 14.18
N VAL C 70 23.97 14.14 15.45
CA VAL C 70 25.32 14.40 15.92
C VAL C 70 25.87 13.12 16.55
N LEU C 71 27.01 12.66 16.04
CA LEU C 71 27.71 11.52 16.61
C LEU C 71 28.98 11.97 17.36
N PRO C 72 29.54 11.11 18.21
CA PRO C 72 30.76 11.49 18.97
C PRO C 72 31.95 11.85 18.08
N GLU C 73 32.97 12.42 18.72
CA GLU C 73 34.17 12.86 18.00
C GLU C 73 35.09 11.70 17.67
N ASN C 76 33.97 10.00 13.55
CA ASN C 76 34.78 9.72 12.36
C ASN C 76 34.11 8.71 11.41
N ILE C 77 33.23 9.20 10.52
CA ILE C 77 32.37 8.36 9.67
C ILE C 77 33.12 7.97 8.41
N GLU C 78 33.53 6.70 8.29
CA GLU C 78 34.21 6.26 7.08
C GLU C 78 33.54 5.11 6.34
N ALA C 79 32.43 4.59 6.85
CA ALA C 79 31.68 3.55 6.17
C ALA C 79 30.21 3.88 6.33
N ILE C 80 29.58 4.35 5.28
CA ILE C 80 28.23 4.82 5.40
C ILE C 80 27.34 4.07 4.42
N SER C 81 26.07 3.93 4.78
CA SER C 81 25.19 2.98 4.12
C SER C 81 23.76 3.51 4.09
N ALA C 82 23.19 3.69 2.91
CA ALA C 82 21.86 4.24 2.73
C ALA C 82 20.97 3.30 1.94
N ILE C 83 19.83 2.93 2.50
CA ILE C 83 18.86 2.06 1.84
C ILE C 83 17.48 2.69 1.96
N SER C 84 16.74 2.65 0.86
CA SER C 84 15.41 3.23 0.77
C SER C 84 14.41 2.10 0.50
N GLN C 85 13.44 1.93 1.39
CA GLN C 85 12.50 0.82 1.26
C GLN C 85 11.15 1.24 1.82
N ASP C 86 10.11 1.25 0.95
CA ASP C 86 8.76 1.56 1.36
C ASP C 86 8.66 2.96 1.93
N GLY C 87 9.38 3.90 1.31
CA GLY C 87 9.42 5.28 1.75
C GLY C 87 10.13 5.52 3.06
N VAL C 88 10.84 4.54 3.59
CA VAL C 88 11.63 4.74 4.80
C VAL C 88 13.09 4.65 4.41
N LEU C 89 13.86 5.67 4.80
CA LEU C 89 15.29 5.70 4.55
C LEU C 89 16.02 5.11 5.76
N THR C 90 16.92 4.17 5.52
CA THR C 90 17.69 3.57 6.62
C THR C 90 19.18 3.81 6.38
N VAL C 91 19.74 4.71 7.14
CA VAL C 91 21.14 5.09 7.02
C VAL C 91 21.92 4.44 8.17
N THR C 92 22.91 3.63 7.82
CA THR C 92 23.80 2.97 8.79
C THR C 92 25.22 3.52 8.66
N VAL C 93 25.79 3.93 9.80
CA VAL C 93 27.10 4.56 9.87
C VAL C 93 28.12 3.58 10.43
N ASN C 94 29.31 3.59 9.83
CA ASN C 94 30.39 2.65 10.14
C ASN C 94 29.88 1.21 10.01
N LYS C 95 29.22 0.97 8.86
CA LYS C 95 28.79 -0.33 8.35
C LYS C 95 28.03 -0.14 7.03
#